data_6H54
#
_entry.id   6H54
#
_cell.length_a   66.190
_cell.length_b   49.340
_cell.length_c   86.960
_cell.angle_alpha   90.000
_cell.angle_beta   99.801
_cell.angle_gamma   90.000
#
_symmetry.space_group_name_H-M   'P 1 21 1'
#
loop_
_entity.id
_entity.type
_entity.pdbx_description
1 polymer 'Heat shock cognate 71 kDa protein'
2 non-polymer 'trimethylamine oxide'
3 non-polymer 4-[[(2R,3S,4R,5R)-5-[6-amino-8-[(3,4-dichlorophenyl)methylamino]purin-9-yl]-3,4-dihydroxy-oxolan-2-yl]methoxymethyl]benzonitrile
4 non-polymer '4-(2-HYDROXYETHYL)-1-PIPERAZINE ETHANESULFONIC ACID'
5 non-polymer GLYCEROL
6 water water
#
_entity_poly.entity_id   1
_entity_poly.type   'polypeptide(L)'
_entity_poly.pdbx_seq_one_letter_code
;MSKGPAVGIDLGTTYSCVGVFQHGKVEIIANDQGNRTTPSYVAFTDTERLIGDAAKNQVAMNPTNTVFDAKRLIGRRFDD
AVVQSDMKHWPFMVVNDAGRPKVQVEYKGETKSFYPEEVSSMVLTKMKEIAEAYLGKTVTNAVVTVPAYFNDSQRQATKD
AGTIAGLNVLRIINEPTAAAIAYGLDKKVGAERNVLIFDLGGGTFDVSILTIAAGIFEVKSTAGDTHLGGEDFDNRMVNH
FIAEFKRKHKKDISENKRAVRRLRTACERAKRTLSSSTQASIEIDSLYEGIDFYTSITRARFEELNADLFRGTLDPVEKA
LRDAKLDKSQIHDIVLVGGSTRIPKIQKLLQDFFNGKELNKSINPDEAVAYGAAVQAAILSGDKSENVQDLLLLDVTPLS
LGIETAGGVMTVLIKRNTTIPTKQTQTFTTYSDNQPGVLIQVYEGERAMTKDNNLLGKFELTGIPPAPRGVPQIEVTFDI
DANGILNVSAVDKSTGKENKITITNDKGRLSKEDIERMVQEAEKYKAEDEKQRDKVSSKNSLESYAFNMKATVE
;
_entity_poly.pdbx_strand_id   A
#
loop_
_chem_comp.id
_chem_comp.type
_chem_comp.name
_chem_comp.formula
3FD non-polymer 4-[[(2R,3S,4R,5R)-5-[6-amino-8-[(3,4-dichlorophenyl)methylamino]purin-9-yl]-3,4-dihydroxy-oxolan-2-yl]methoxymethyl]benzonitrile 'C25 H23 Cl2 N7 O4'
EPE non-polymer '4-(2-HYDROXYETHYL)-1-PIPERAZINE ETHANESULFONIC ACID' 'C8 H18 N2 O4 S'
GOL non-polymer GLYCEROL 'C3 H8 O3'
TMO non-polymer 'trimethylamine oxide' 'C3 H9 N O'
#
# COMPACT_ATOMS: atom_id res chain seq x y z
N GLY A 4 26.03 -11.64 -5.54
CA GLY A 4 26.27 -11.49 -4.12
C GLY A 4 25.09 -10.91 -3.37
N PRO A 5 24.91 -9.59 -3.47
CA PRO A 5 23.81 -8.93 -2.75
C PRO A 5 22.48 -9.13 -3.47
N ALA A 6 21.41 -8.95 -2.69
CA ALA A 6 20.05 -9.03 -3.21
C ALA A 6 19.57 -7.65 -3.64
N VAL A 7 18.70 -7.62 -4.64
CA VAL A 7 18.20 -6.38 -5.20
C VAL A 7 16.80 -6.12 -4.70
N GLY A 8 16.38 -4.85 -4.78
CA GLY A 8 15.02 -4.46 -4.49
C GLY A 8 14.36 -3.87 -5.72
N ILE A 9 13.18 -4.39 -6.08
CA ILE A 9 12.54 -4.06 -7.34
C ILE A 9 11.17 -3.48 -7.06
N ASP A 10 10.96 -2.23 -7.47
CA ASP A 10 9.62 -1.62 -7.56
C ASP A 10 9.07 -1.99 -8.93
N LEU A 11 8.12 -2.92 -8.96
CA LEU A 11 7.47 -3.35 -10.20
C LEU A 11 6.19 -2.53 -10.35
N GLY A 12 6.28 -1.41 -11.06
CA GLY A 12 5.16 -0.51 -11.20
C GLY A 12 4.32 -0.78 -12.42
N THR A 13 3.17 -0.10 -12.48
CA THR A 13 2.24 -0.28 -13.59
C THR A 13 2.84 0.22 -14.90
N THR A 14 3.42 1.42 -14.87
CA THR A 14 4.02 2.02 -16.06
C THR A 14 5.54 2.02 -16.06
N TYR A 15 6.16 2.18 -14.88
CA TYR A 15 7.62 2.20 -14.78
C TYR A 15 8.04 1.32 -13.60
N SER A 16 9.20 0.69 -13.76
CA SER A 16 9.80 -0.13 -12.73
C SER A 16 11.18 0.42 -12.39
N CYS A 17 11.66 0.06 -11.20
CA CYS A 17 12.92 0.57 -10.68
C CYS A 17 13.63 -0.55 -9.93
N VAL A 18 14.96 -0.53 -9.96
CA VAL A 18 15.76 -1.55 -9.29
C VAL A 18 16.88 -0.86 -8.52
N GLY A 19 17.12 -1.32 -7.29
CA GLY A 19 18.16 -0.77 -6.46
C GLY A 19 18.90 -1.87 -5.73
N VAL A 20 20.07 -1.50 -5.20
CA VAL A 20 20.92 -2.46 -4.49
C VAL A 20 21.64 -1.74 -3.36
N PHE A 21 21.73 -2.38 -2.20
CA PHE A 21 22.42 -1.83 -1.06
C PHE A 21 23.84 -2.39 -1.02
N GLN A 22 24.82 -1.54 -1.29
CA GLN A 22 26.22 -1.93 -1.25
C GLN A 22 27.04 -0.78 -0.69
N HIS A 23 28.12 -1.14 0.02
CA HIS A 23 29.04 -0.18 0.61
C HIS A 23 28.32 0.76 1.57
N GLY A 24 27.29 0.27 2.25
CA GLY A 24 26.51 1.11 3.14
C GLY A 24 25.65 2.14 2.47
N LYS A 25 25.46 2.05 1.15
CA LYS A 25 24.68 3.02 0.39
C LYS A 25 23.71 2.29 -0.53
N VAL A 26 22.52 2.84 -0.67
CA VAL A 26 21.57 2.35 -1.67
C VAL A 26 21.89 3.02 -3.00
N GLU A 27 22.01 2.22 -4.05
CA GLU A 27 22.28 2.71 -5.39
C GLU A 27 21.12 2.29 -6.29
N ILE A 28 20.51 3.26 -6.95
CA ILE A 28 19.48 3.01 -7.95
C ILE A 28 20.18 2.75 -9.28
N ILE A 29 19.94 1.57 -9.85
CA ILE A 29 20.72 1.08 -10.98
C ILE A 29 20.14 1.64 -12.28
N ALA A 30 20.98 2.33 -13.04
CA ALA A 30 20.59 2.81 -14.37
C ALA A 30 20.59 1.66 -15.37
N ASN A 31 19.80 1.80 -16.42
CA ASN A 31 19.63 0.74 -17.41
C ASN A 31 20.66 0.92 -18.53
N ASP A 32 20.49 0.14 -19.61
CA ASP A 32 21.43 0.19 -20.72
C ASP A 32 21.42 1.55 -21.42
N GLN A 33 20.32 2.29 -21.32
CA GLN A 33 20.22 3.63 -21.90
C GLN A 33 20.46 4.72 -20.88
N GLY A 34 20.90 4.36 -19.67
CA GLY A 34 21.24 5.33 -18.65
C GLY A 34 20.10 5.83 -17.80
N ASN A 35 18.92 5.23 -17.91
CA ASN A 35 17.74 5.67 -17.16
C ASN A 35 17.63 4.88 -15.86
N ARG A 36 17.40 5.58 -14.76
CA ARG A 36 17.24 4.94 -13.46
C ARG A 36 15.85 4.33 -13.28
N THR A 37 14.90 4.64 -14.16
CA THR A 37 13.61 3.97 -14.21
C THR A 37 13.38 3.42 -15.62
N THR A 38 12.81 2.22 -15.68
CA THR A 38 12.61 1.53 -16.95
C THR A 38 11.12 1.33 -17.19
N PRO A 39 10.59 1.74 -18.34
CA PRO A 39 9.16 1.57 -18.60
C PRO A 39 8.76 0.09 -18.55
N SER A 40 7.58 -0.16 -17.95
CA SER A 40 7.04 -1.52 -17.84
C SER A 40 6.32 -1.90 -19.13
N TYR A 41 7.07 -1.87 -20.24
CA TYR A 41 6.54 -2.12 -21.57
C TYR A 41 7.20 -3.37 -22.15
N VAL A 42 6.40 -4.17 -22.84
CA VAL A 42 6.90 -5.33 -23.59
C VAL A 42 6.28 -5.27 -24.98
N ALA A 43 7.13 -5.23 -26.00
CA ALA A 43 6.71 -5.13 -27.39
C ALA A 43 7.13 -6.36 -28.17
N PHE A 44 6.30 -6.77 -29.11
CA PHE A 44 6.56 -7.93 -29.95
C PHE A 44 6.52 -7.50 -31.41
N THR A 45 7.62 -7.74 -32.13
CA THR A 45 7.75 -7.35 -33.52
C THR A 45 7.93 -8.60 -34.38
N ASP A 46 8.22 -8.38 -35.67
CA ASP A 46 8.42 -9.49 -36.59
C ASP A 46 9.64 -10.33 -36.25
N THR A 47 10.60 -9.78 -35.50
CA THR A 47 11.87 -10.47 -35.31
C THR A 47 12.27 -10.67 -33.87
N GLU A 48 11.80 -9.81 -32.95
CA GLU A 48 12.36 -9.77 -31.62
C GLU A 48 11.31 -9.36 -30.60
N ARG A 49 11.67 -9.53 -29.33
CA ARG A 49 10.87 -9.08 -28.19
C ARG A 49 11.62 -7.98 -27.47
N LEU A 50 11.06 -6.78 -27.50
CA LEU A 50 11.67 -5.61 -26.86
C LEU A 50 11.07 -5.41 -25.48
N ILE A 51 11.90 -4.97 -24.53
CA ILE A 51 11.45 -4.70 -23.17
C ILE A 51 12.06 -3.39 -22.70
N GLY A 52 11.24 -2.56 -22.07
CA GLY A 52 11.73 -1.35 -21.43
C GLY A 52 11.70 -0.14 -22.35
N ASP A 53 12.80 0.61 -22.38
CA ASP A 53 12.85 1.83 -23.16
C ASP A 53 12.65 1.56 -24.65
N ALA A 54 13.28 0.49 -25.16
CA ALA A 54 13.13 0.16 -26.57
C ALA A 54 11.70 -0.18 -26.93
N ALA A 55 10.95 -0.77 -25.99
CA ALA A 55 9.56 -1.13 -26.26
C ALA A 55 8.68 0.11 -26.29
N LYS A 56 8.90 1.06 -25.38
CA LYS A 56 8.07 2.26 -25.34
C LYS A 56 8.45 3.23 -26.46
N ASN A 57 9.70 3.20 -26.92
CA ASN A 57 10.14 4.14 -27.96
C ASN A 57 9.49 3.89 -29.30
N GLN A 58 8.95 2.69 -29.53
CA GLN A 58 8.31 2.36 -30.80
C GLN A 58 6.82 2.04 -30.64
N VAL A 59 6.20 2.52 -29.55
CA VAL A 59 4.81 2.20 -29.30
C VAL A 59 3.90 2.76 -30.38
N ALA A 60 4.26 3.91 -30.95
CA ALA A 60 3.44 4.48 -32.02
C ALA A 60 3.50 3.65 -33.29
N MET A 61 4.59 2.91 -33.50
CA MET A 61 4.73 2.10 -34.70
C MET A 61 4.02 0.76 -34.56
N ASN A 62 4.08 0.16 -33.37
CA ASN A 62 3.51 -1.16 -33.12
C ASN A 62 2.62 -1.11 -31.87
N PRO A 63 1.51 -0.36 -31.93
CA PRO A 63 0.69 -0.21 -30.72
C PRO A 63 -0.13 -1.44 -30.37
N THR A 64 -0.59 -2.19 -31.38
CA THR A 64 -1.40 -3.38 -31.12
C THR A 64 -0.59 -4.53 -30.51
N ASN A 65 0.75 -4.46 -30.57
CA ASN A 65 1.60 -5.51 -30.02
C ASN A 65 2.58 -4.97 -28.98
N THR A 66 2.29 -3.82 -28.39
CA THR A 66 3.09 -3.24 -27.31
C THR A 66 2.26 -3.30 -26.04
N VAL A 67 2.66 -4.13 -25.09
CA VAL A 67 1.89 -4.40 -23.89
C VAL A 67 2.39 -3.52 -22.76
N PHE A 68 1.45 -2.92 -22.03
CA PHE A 68 1.76 -2.13 -20.85
C PHE A 68 0.58 -2.22 -19.89
N ASP A 69 0.79 -1.70 -18.68
CA ASP A 69 -0.23 -1.73 -17.63
C ASP A 69 -0.69 -3.15 -17.33
N ALA A 70 0.20 -4.12 -17.47
CA ALA A 70 -0.14 -5.50 -17.15
C ALA A 70 -0.37 -5.69 -15.66
N LYS A 71 0.15 -4.79 -14.83
CA LYS A 71 -0.05 -4.87 -13.39
C LYS A 71 -1.54 -4.74 -13.03
N ARG A 72 -2.31 -4.04 -13.86
CA ARG A 72 -3.75 -3.91 -13.63
C ARG A 72 -4.49 -5.24 -13.82
N LEU A 73 -3.85 -6.24 -14.42
CA LEU A 73 -4.47 -7.54 -14.67
C LEU A 73 -4.00 -8.63 -13.74
N ILE A 74 -2.81 -8.48 -13.14
CA ILE A 74 -2.17 -9.59 -12.45
C ILE A 74 -2.97 -9.99 -11.21
N GLY A 75 -2.97 -11.30 -10.92
CA GLY A 75 -3.69 -11.84 -9.80
C GLY A 75 -5.20 -11.88 -9.93
N ARG A 76 -5.77 -11.22 -10.93
CA ARG A 76 -7.21 -11.15 -11.11
C ARG A 76 -7.69 -12.21 -12.10
N ARG A 77 -8.95 -12.57 -11.97
CA ARG A 77 -9.63 -13.41 -12.95
C ARG A 77 -10.18 -12.54 -14.07
N PHE A 78 -10.52 -13.21 -15.18
CA PHE A 78 -10.98 -12.47 -16.35
C PHE A 78 -12.28 -11.72 -16.08
N ASP A 79 -13.21 -12.35 -15.37
CA ASP A 79 -14.53 -11.78 -15.18
C ASP A 79 -14.60 -10.72 -14.09
N ASP A 80 -13.46 -10.22 -13.61
CA ASP A 80 -13.47 -9.10 -12.68
C ASP A 80 -13.90 -7.83 -13.41
N ALA A 81 -14.76 -7.05 -12.76
CA ALA A 81 -15.24 -5.81 -13.37
C ALA A 81 -14.11 -4.85 -13.66
N VAL A 82 -13.08 -4.83 -12.82
CA VAL A 82 -11.92 -3.97 -13.08
C VAL A 82 -11.26 -4.35 -14.40
N VAL A 83 -11.09 -5.65 -14.63
CA VAL A 83 -10.44 -6.11 -15.86
C VAL A 83 -11.30 -5.76 -17.07
N GLN A 84 -12.61 -6.00 -16.98
CA GLN A 84 -13.50 -5.72 -18.11
C GLN A 84 -13.54 -4.22 -18.41
N SER A 85 -13.45 -3.39 -17.38
CA SER A 85 -13.43 -1.94 -17.59
C SER A 85 -12.11 -1.50 -18.20
N ASP A 86 -10.99 -2.05 -17.73
CA ASP A 86 -9.68 -1.64 -18.24
C ASP A 86 -9.46 -2.11 -19.68
N MET A 87 -10.05 -3.23 -20.07
CA MET A 87 -9.83 -3.77 -21.41
C MET A 87 -10.23 -2.78 -22.50
N LYS A 88 -11.23 -1.93 -22.23
CA LYS A 88 -11.74 -1.00 -23.23
C LYS A 88 -10.80 0.17 -23.51
N HIS A 89 -9.67 0.27 -22.81
CA HIS A 89 -8.75 1.38 -22.99
C HIS A 89 -7.39 0.95 -23.54
N TRP A 90 -7.19 -0.34 -23.83
CA TRP A 90 -5.91 -0.85 -24.27
C TRP A 90 -5.94 -1.20 -25.75
N PRO A 91 -4.89 -0.84 -26.50
CA PRO A 91 -4.83 -1.22 -27.92
C PRO A 91 -4.58 -2.70 -28.16
N PHE A 92 -4.15 -3.45 -27.14
CA PHE A 92 -3.90 -4.87 -27.27
C PHE A 92 -5.12 -5.67 -26.81
N MET A 93 -5.14 -6.94 -27.21
CA MET A 93 -6.30 -7.80 -26.98
C MET A 93 -6.16 -8.58 -25.68
N VAL A 94 -7.27 -8.75 -24.98
CA VAL A 94 -7.34 -9.54 -23.75
C VAL A 94 -8.35 -10.66 -23.97
N VAL A 95 -7.95 -11.88 -23.64
CA VAL A 95 -8.74 -13.08 -23.87
C VAL A 95 -8.86 -13.86 -22.58
N ASN A 96 -9.79 -14.81 -22.57
CA ASN A 96 -10.07 -15.64 -21.40
C ASN A 96 -9.57 -17.05 -21.64
N ASP A 97 -8.87 -17.60 -20.65
CA ASP A 97 -8.32 -18.95 -20.72
C ASP A 97 -8.59 -19.64 -19.38
N ALA A 98 -9.68 -20.43 -19.34
CA ALA A 98 -10.06 -21.19 -18.15
C ALA A 98 -10.22 -20.28 -16.94
N GLY A 99 -10.85 -19.13 -17.14
CA GLY A 99 -11.08 -18.19 -16.06
C GLY A 99 -9.93 -17.28 -15.73
N ARG A 100 -9.03 -17.04 -16.68
CA ARG A 100 -7.88 -16.18 -16.46
C ARG A 100 -7.68 -15.27 -17.67
N PRO A 101 -7.31 -14.01 -17.45
CA PRO A 101 -7.05 -13.11 -18.59
C PRO A 101 -5.65 -13.29 -19.15
N LYS A 102 -5.55 -13.09 -20.46
CA LYS A 102 -4.28 -13.20 -21.16
C LYS A 102 -4.18 -12.11 -22.22
N VAL A 103 -2.99 -11.53 -22.37
CA VAL A 103 -2.74 -10.57 -23.43
C VAL A 103 -2.36 -11.33 -24.69
N GLN A 104 -2.95 -10.94 -25.83
CA GLN A 104 -2.74 -11.61 -27.09
C GLN A 104 -2.12 -10.64 -28.09
N VAL A 105 -1.04 -11.07 -28.74
CA VAL A 105 -0.29 -10.24 -29.67
C VAL A 105 0.18 -11.10 -30.84
N GLU A 106 0.81 -10.43 -31.81
CA GLU A 106 1.46 -11.10 -32.93
C GLU A 106 2.97 -10.98 -32.77
N TYR A 107 3.66 -12.11 -32.90
CA TYR A 107 5.09 -12.21 -32.62
C TYR A 107 5.70 -13.16 -33.64
N LYS A 108 6.62 -12.63 -34.45
CA LYS A 108 7.28 -13.41 -35.50
C LYS A 108 6.26 -14.08 -36.43
N GLY A 109 5.15 -13.38 -36.69
CA GLY A 109 4.12 -13.92 -37.56
C GLY A 109 3.28 -15.00 -36.93
N GLU A 110 3.23 -15.10 -35.61
CA GLU A 110 2.41 -16.10 -34.92
C GLU A 110 1.65 -15.44 -33.78
N THR A 111 0.42 -15.86 -33.57
CA THR A 111 -0.39 -15.34 -32.47
C THR A 111 0.06 -15.97 -31.16
N LYS A 112 0.38 -15.13 -30.18
CA LYS A 112 0.86 -15.58 -28.88
C LYS A 112 0.08 -14.90 -27.77
N SER A 113 -0.27 -15.67 -26.74
CA SER A 113 -0.96 -15.16 -25.57
C SER A 113 -0.13 -15.41 -24.33
N PHE A 114 -0.14 -14.46 -23.41
CA PHE A 114 0.64 -14.51 -22.18
C PHE A 114 -0.21 -14.12 -20.99
N TYR A 115 -0.05 -14.84 -19.89
CA TYR A 115 -0.66 -14.44 -18.63
C TYR A 115 -0.03 -13.13 -18.15
N PRO A 116 -0.74 -12.37 -17.31
CA PRO A 116 -0.16 -11.12 -16.80
C PRO A 116 1.14 -11.34 -16.04
N GLU A 117 1.23 -12.42 -15.27
CA GLU A 117 2.47 -12.72 -14.57
C GLU A 117 3.61 -13.03 -15.54
N GLU A 118 3.31 -13.48 -16.76
CA GLU A 118 4.37 -13.72 -17.73
C GLU A 118 4.95 -12.41 -18.27
N VAL A 119 4.09 -11.43 -18.56
CA VAL A 119 4.58 -10.12 -18.98
C VAL A 119 5.35 -9.46 -17.84
N SER A 120 4.84 -9.60 -16.61
CA SER A 120 5.56 -9.07 -15.46
C SER A 120 6.90 -9.79 -15.27
N SER A 121 6.95 -11.08 -15.60
CA SER A 121 8.21 -11.81 -15.54
C SER A 121 9.19 -11.32 -16.59
N MET A 122 8.69 -10.91 -17.77
CA MET A 122 9.57 -10.31 -18.76
C MET A 122 10.13 -8.98 -18.26
N VAL A 123 9.29 -8.16 -17.65
CA VAL A 123 9.77 -6.90 -17.08
C VAL A 123 10.80 -7.16 -15.99
N LEU A 124 10.55 -8.17 -15.15
CA LEU A 124 11.49 -8.52 -14.10
C LEU A 124 12.78 -9.11 -14.66
N THR A 125 12.70 -9.81 -15.78
CA THR A 125 13.91 -10.26 -16.46
C THR A 125 14.74 -9.09 -16.94
N LYS A 126 14.08 -8.06 -17.48
CA LYS A 126 14.80 -6.86 -17.88
C LYS A 126 15.49 -6.20 -16.69
N MET A 127 14.76 -6.05 -15.58
CA MET A 127 15.35 -5.43 -14.39
C MET A 127 16.50 -6.27 -13.84
N LYS A 128 16.35 -7.60 -13.89
CA LYS A 128 17.41 -8.50 -13.43
C LYS A 128 18.66 -8.36 -14.29
N GLU A 129 18.48 -8.27 -15.61
CA GLU A 129 19.62 -8.10 -16.50
C GLU A 129 20.28 -6.75 -16.28
N ILE A 130 19.49 -5.70 -16.01
CA ILE A 130 20.06 -4.40 -15.69
C ILE A 130 20.92 -4.48 -14.44
N ALA A 131 20.38 -5.11 -13.39
CA ALA A 131 21.12 -5.25 -12.14
C ALA A 131 22.38 -6.08 -12.32
N GLU A 132 22.31 -7.10 -13.18
CA GLU A 132 23.48 -7.95 -13.41
C GLU A 132 24.55 -7.21 -14.21
N ALA A 133 24.14 -6.41 -15.19
CA ALA A 133 25.10 -5.59 -15.94
C ALA A 133 25.77 -4.57 -15.03
N TYR A 134 25.02 -4.04 -14.06
CA TYR A 134 25.62 -3.08 -13.13
C TYR A 134 26.59 -3.78 -12.18
N LEU A 135 26.15 -4.89 -11.57
CA LEU A 135 26.95 -5.58 -10.56
C LEU A 135 28.02 -6.48 -11.15
N GLY A 136 27.92 -6.82 -12.44
CA GLY A 136 28.88 -7.73 -13.03
C GLY A 136 28.80 -9.15 -12.53
N LYS A 137 27.65 -9.56 -11.98
CA LYS A 137 27.47 -10.91 -11.48
C LYS A 137 25.99 -11.25 -11.55
N THR A 138 25.71 -12.56 -11.47
CA THR A 138 24.33 -13.03 -11.56
C THR A 138 23.56 -12.65 -10.29
N VAL A 139 22.39 -12.06 -10.48
CA VAL A 139 21.50 -11.68 -9.38
C VAL A 139 20.40 -12.72 -9.28
N THR A 140 20.19 -13.26 -8.07
CA THR A 140 19.16 -14.26 -7.85
C THR A 140 18.10 -13.79 -6.85
N ASN A 141 18.51 -13.36 -5.66
CA ASN A 141 17.56 -13.00 -4.61
C ASN A 141 17.07 -11.57 -4.81
N ALA A 142 15.76 -11.38 -4.63
CA ALA A 142 15.16 -10.08 -4.86
C ALA A 142 13.95 -9.89 -3.96
N VAL A 143 13.68 -8.63 -3.63
CA VAL A 143 12.44 -8.23 -2.96
C VAL A 143 11.62 -7.40 -3.94
N VAL A 144 10.39 -7.83 -4.19
CA VAL A 144 9.48 -7.15 -5.11
C VAL A 144 8.34 -6.55 -4.30
N THR A 145 7.96 -5.31 -4.64
CA THR A 145 6.92 -4.59 -3.92
C THR A 145 5.60 -4.66 -4.67
N VAL A 146 4.51 -4.54 -3.92
CA VAL A 146 3.15 -4.55 -4.47
C VAL A 146 2.34 -3.49 -3.75
N PRO A 147 1.22 -3.05 -4.36
CA PRO A 147 0.32 -2.13 -3.66
C PRO A 147 -0.24 -2.77 -2.40
N ALA A 148 -0.47 -1.93 -1.39
CA ALA A 148 -0.91 -2.44 -0.09
C ALA A 148 -2.26 -3.15 -0.18
N TYR A 149 -3.10 -2.76 -1.12
CA TYR A 149 -4.43 -3.36 -1.26
C TYR A 149 -4.42 -4.67 -2.03
N PHE A 150 -3.25 -5.17 -2.42
CA PHE A 150 -3.18 -6.45 -3.10
C PHE A 150 -3.60 -7.59 -2.16
N ASN A 151 -4.37 -8.53 -2.69
CA ASN A 151 -4.77 -9.70 -1.94
C ASN A 151 -3.69 -10.78 -2.05
N ASP A 152 -3.93 -11.92 -1.40
CA ASP A 152 -2.96 -13.01 -1.45
C ASP A 152 -2.77 -13.54 -2.86
N SER A 153 -3.82 -13.55 -3.67
CA SER A 153 -3.71 -14.06 -5.04
C SER A 153 -2.79 -13.18 -5.89
N GLN A 154 -2.96 -11.86 -5.80
CA GLN A 154 -2.13 -10.95 -6.58
C GLN A 154 -0.68 -10.99 -6.13
N ARG A 155 -0.45 -11.11 -4.82
CA ARG A 155 0.92 -11.20 -4.31
C ARG A 155 1.58 -12.50 -4.75
N GLN A 156 0.83 -13.62 -4.72
CA GLN A 156 1.39 -14.88 -5.20
C GLN A 156 1.66 -14.82 -6.70
N ALA A 157 0.80 -14.11 -7.45
CA ALA A 157 1.04 -13.96 -8.89
C ALA A 157 2.29 -13.14 -9.16
N THR A 158 2.52 -12.08 -8.38
CA THR A 158 3.74 -11.30 -8.52
C THR A 158 4.97 -12.13 -8.17
N LYS A 159 4.87 -12.93 -7.10
CA LYS A 159 5.98 -13.81 -6.73
C LYS A 159 6.25 -14.85 -7.82
N ASP A 160 5.19 -15.34 -8.47
CA ASP A 160 5.39 -16.28 -9.57
C ASP A 160 6.00 -15.61 -10.79
N ALA A 161 5.63 -14.35 -11.04
CA ALA A 161 6.31 -13.58 -12.08
C ALA A 161 7.79 -13.46 -11.78
N GLY A 162 8.13 -13.23 -10.51
CA GLY A 162 9.53 -13.22 -10.13
C GLY A 162 10.21 -14.56 -10.34
N THR A 163 9.52 -15.64 -9.99
CA THR A 163 10.10 -16.98 -10.10
C THR A 163 10.34 -17.35 -11.57
N ILE A 164 9.42 -17.00 -12.46
CA ILE A 164 9.60 -17.30 -13.88
C ILE A 164 10.84 -16.60 -14.42
N ALA A 165 11.09 -15.38 -13.97
CA ALA A 165 12.26 -14.62 -14.41
C ALA A 165 13.56 -15.13 -13.81
N GLY A 166 13.53 -16.21 -13.03
CA GLY A 166 14.72 -16.74 -12.40
C GLY A 166 15.09 -16.08 -11.09
N LEU A 167 14.17 -15.34 -10.49
CA LEU A 167 14.44 -14.63 -9.24
C LEU A 167 13.92 -15.43 -8.05
N ASN A 168 14.70 -15.45 -6.98
CA ASN A 168 14.25 -15.96 -5.70
C ASN A 168 13.64 -14.79 -4.93
N VAL A 169 12.31 -14.76 -4.87
CA VAL A 169 11.59 -13.67 -4.21
C VAL A 169 11.67 -13.92 -2.70
N LEU A 170 12.56 -13.21 -2.03
CA LEU A 170 12.72 -13.39 -0.59
C LEU A 170 11.45 -13.00 0.16
N ARG A 171 10.81 -11.91 -0.24
CA ARG A 171 9.60 -11.45 0.43
C ARG A 171 8.87 -10.47 -0.46
N ILE A 172 7.54 -10.44 -0.34
CA ILE A 172 6.70 -9.45 -1.00
C ILE A 172 6.29 -8.44 0.06
N ILE A 173 6.67 -7.18 -0.12
CA ILE A 173 6.35 -6.12 0.81
C ILE A 173 5.51 -5.07 0.09
N ASN A 174 4.79 -4.28 0.89
CA ASN A 174 3.94 -3.24 0.35
C ASN A 174 4.76 -2.04 -0.10
N GLU A 175 4.33 -1.40 -1.19
CA GLU A 175 5.00 -0.19 -1.67
C GLU A 175 5.03 0.92 -0.64
N PRO A 176 3.93 1.24 0.07
CA PRO A 176 4.06 2.27 1.12
C PRO A 176 4.97 1.86 2.26
N THR A 177 4.99 0.57 2.62
CA THR A 177 5.91 0.11 3.64
C THR A 177 7.36 0.26 3.18
N ALA A 178 7.63 -0.04 1.91
CA ALA A 178 8.97 0.17 1.37
C ALA A 178 9.34 1.63 1.38
N ALA A 179 8.40 2.51 1.03
CA ALA A 179 8.67 3.95 1.08
C ALA A 179 8.98 4.41 2.49
N ALA A 180 8.27 3.87 3.48
CA ALA A 180 8.55 4.21 4.87
C ALA A 180 9.91 3.68 5.31
N ILE A 181 10.28 2.49 4.84
CA ILE A 181 11.58 1.92 5.18
C ILE A 181 12.71 2.76 4.59
N ALA A 182 12.51 3.28 3.36
CA ALA A 182 13.54 4.09 2.73
C ALA A 182 13.83 5.35 3.53
N TYR A 183 12.84 5.90 4.22
CA TYR A 183 13.03 7.08 5.05
C TYR A 183 13.41 6.76 6.49
N GLY A 184 13.51 5.48 6.85
CA GLY A 184 13.89 5.12 8.20
C GLY A 184 12.87 5.50 9.26
N LEU A 185 11.60 5.54 8.90
CA LEU A 185 10.56 5.86 9.88
C LEU A 185 10.38 4.76 10.91
N ASP A 186 10.84 3.55 10.62
CA ASP A 186 10.77 2.45 11.57
C ASP A 186 11.90 2.47 12.59
N LYS A 187 12.90 3.33 12.40
CA LYS A 187 14.04 3.42 13.30
C LYS A 187 13.97 4.65 14.21
N LYS A 188 12.80 5.27 14.31
CA LYS A 188 12.65 6.47 15.11
C LYS A 188 12.32 6.12 16.56
N VAL A 189 12.79 6.98 17.46
CA VAL A 189 12.65 6.76 18.90
C VAL A 189 11.32 7.34 19.36
N GLY A 190 10.69 6.67 20.30
CA GLY A 190 9.45 7.12 20.89
C GLY A 190 8.33 6.12 20.70
N ALA A 191 7.11 6.59 20.91
CA ALA A 191 5.92 5.75 20.77
C ALA A 191 5.64 5.49 19.29
N GLU A 192 4.53 4.81 19.01
CA GLU A 192 4.17 4.47 17.64
C GLU A 192 3.93 5.73 16.83
N ARG A 193 4.19 5.63 15.53
CA ARG A 193 4.07 6.75 14.62
C ARG A 193 3.02 6.45 13.56
N ASN A 194 2.26 7.48 13.18
CA ASN A 194 1.27 7.39 12.12
C ASN A 194 1.86 8.00 10.86
N VAL A 195 1.86 7.23 9.77
CA VAL A 195 2.52 7.62 8.53
C VAL A 195 1.48 7.64 7.42
N LEU A 196 1.51 8.70 6.62
CA LEU A 196 0.65 8.84 5.44
C LEU A 196 1.55 8.87 4.20
N ILE A 197 1.44 7.82 3.39
CA ILE A 197 2.14 7.73 2.11
C ILE A 197 1.21 8.27 1.03
N PHE A 198 1.64 9.36 0.39
CA PHE A 198 0.91 10.01 -0.70
C PHE A 198 1.67 9.69 -1.99
N ASP A 199 1.12 8.79 -2.81
CA ASP A 199 1.82 8.22 -3.96
C ASP A 199 1.06 8.62 -5.22
N LEU A 200 1.60 9.60 -5.95
CA LEU A 200 1.00 10.07 -7.19
C LEU A 200 2.00 9.83 -8.32
N GLY A 201 1.73 8.82 -9.13
CA GLY A 201 2.62 8.42 -10.22
C GLY A 201 2.14 8.91 -11.57
N GLY A 202 2.35 8.08 -12.59
CA GLY A 202 1.98 8.47 -13.94
C GLY A 202 0.52 8.24 -14.27
N GLY A 203 -0.09 7.21 -13.68
CA GLY A 203 -1.49 6.93 -13.94
C GLY A 203 -2.27 6.43 -12.75
N THR A 204 -1.64 6.36 -11.58
CA THR A 204 -2.27 5.84 -10.38
C THR A 204 -2.02 6.79 -9.21
N PHE A 205 -2.92 6.74 -8.24
CA PHE A 205 -2.85 7.57 -7.04
C PHE A 205 -3.25 6.72 -5.84
N ASP A 206 -2.34 6.57 -4.88
CA ASP A 206 -2.55 5.71 -3.73
C ASP A 206 -2.23 6.48 -2.45
N VAL A 207 -3.20 6.54 -1.54
CA VAL A 207 -2.99 7.06 -0.19
C VAL A 207 -2.98 5.88 0.75
N SER A 208 -1.91 5.74 1.52
CA SER A 208 -1.81 4.69 2.52
C SER A 208 -1.59 5.31 3.89
N ILE A 209 -2.25 4.75 4.90
CA ILE A 209 -2.04 5.16 6.28
C ILE A 209 -1.58 3.94 7.05
N LEU A 210 -0.38 4.01 7.59
CA LEU A 210 0.26 2.94 8.34
C LEU A 210 0.55 3.42 9.76
N THR A 211 0.73 2.46 10.67
CA THR A 211 1.19 2.72 12.02
C THR A 211 2.42 1.87 12.28
N ILE A 212 3.53 2.53 12.63
CA ILE A 212 4.79 1.85 12.91
C ILE A 212 4.98 1.82 14.42
N ALA A 213 5.14 0.62 14.96
CA ALA A 213 5.30 0.42 16.39
C ALA A 213 6.33 -0.67 16.63
N ALA A 214 7.47 -0.30 17.23
CA ALA A 214 8.56 -1.24 17.52
C ALA A 214 9.03 -1.96 16.26
N GLY A 215 9.11 -1.22 15.15
CA GLY A 215 9.56 -1.78 13.89
C GLY A 215 8.51 -2.56 13.13
N ILE A 216 7.29 -2.67 13.64
CA ILE A 216 6.21 -3.41 13.00
C ILE A 216 5.38 -2.46 12.17
N PHE A 217 5.05 -2.87 10.95
CA PHE A 217 4.23 -2.07 10.04
C PHE A 217 2.82 -2.64 9.99
N GLU A 218 1.84 -1.78 10.27
CA GLU A 218 0.42 -2.15 10.17
C GLU A 218 -0.25 -1.16 9.22
N VAL A 219 -0.85 -1.68 8.15
CA VAL A 219 -1.57 -0.86 7.20
C VAL A 219 -2.94 -0.52 7.80
N LYS A 220 -3.11 0.72 8.24
CA LYS A 220 -4.38 1.11 8.84
C LYS A 220 -5.45 1.33 7.77
N SER A 221 -5.12 1.98 6.67
CA SER A 221 -6.12 2.23 5.64
C SER A 221 -5.46 2.48 4.29
N THR A 222 -6.23 2.28 3.23
CA THR A 222 -5.81 2.56 1.87
C THR A 222 -6.95 3.20 1.10
N ALA A 223 -6.62 4.12 0.20
CA ALA A 223 -7.60 4.78 -0.65
C ALA A 223 -6.88 5.32 -1.87
N GLY A 224 -7.62 5.98 -2.74
CA GLY A 224 -7.02 6.67 -3.87
C GLY A 224 -7.86 6.54 -5.11
N ASP A 225 -7.19 6.69 -6.25
CA ASP A 225 -7.81 6.67 -7.57
C ASP A 225 -6.89 5.91 -8.51
N THR A 226 -7.39 4.79 -9.05
CA THR A 226 -6.56 3.92 -9.87
C THR A 226 -6.34 4.47 -11.28
N HIS A 227 -6.97 5.59 -11.64
CA HIS A 227 -6.85 6.18 -12.97
C HIS A 227 -6.62 7.68 -12.87
N LEU A 228 -5.68 8.07 -12.01
CA LEU A 228 -5.32 9.47 -11.82
C LEU A 228 -3.81 9.59 -11.75
N GLY A 229 -3.22 10.37 -12.65
CA GLY A 229 -1.78 10.52 -12.66
C GLY A 229 -1.36 11.66 -13.55
N GLY A 230 -0.05 11.73 -13.80
CA GLY A 230 0.50 12.79 -14.62
C GLY A 230 0.00 12.79 -16.04
N GLU A 231 -0.38 11.61 -16.55
CA GLU A 231 -0.93 11.52 -17.90
C GLU A 231 -2.19 12.37 -18.04
N ASP A 232 -3.00 12.42 -16.99
CA ASP A 232 -4.22 13.24 -17.03
C ASP A 232 -3.89 14.73 -17.08
N PHE A 233 -2.83 15.14 -16.38
CA PHE A 233 -2.40 16.54 -16.46
C PHE A 233 -1.88 16.86 -17.85
N ASP A 234 -1.10 15.94 -18.42
CA ASP A 234 -0.68 16.08 -19.81
C ASP A 234 -1.87 16.23 -20.74
N ASN A 235 -2.92 15.44 -20.50
CA ASN A 235 -4.09 15.48 -21.38
C ASN A 235 -4.85 16.80 -21.24
N ARG A 236 -4.94 17.33 -20.01
CA ARG A 236 -5.51 18.66 -19.82
C ARG A 236 -4.73 19.70 -20.62
N MET A 237 -3.40 19.65 -20.52
CA MET A 237 -2.57 20.58 -21.30
C MET A 237 -2.80 20.41 -22.80
N VAL A 238 -2.92 19.16 -23.25
CA VAL A 238 -3.07 18.88 -24.68
C VAL A 238 -4.40 19.43 -25.19
N ASN A 239 -5.48 19.23 -24.43
CA ASN A 239 -6.77 19.78 -24.85
C ASN A 239 -6.73 21.30 -24.85
N HIS A 240 -6.07 21.91 -23.84
CA HIS A 240 -5.94 23.36 -23.82
C HIS A 240 -5.24 23.87 -25.07
N PHE A 241 -4.12 23.23 -25.45
CA PHE A 241 -3.36 23.73 -26.59
C PHE A 241 -4.04 23.42 -27.91
N ILE A 242 -4.78 22.31 -28.00
CA ILE A 242 -5.59 22.06 -29.18
C ILE A 242 -6.65 23.15 -29.34
N ALA A 243 -7.31 23.51 -28.25
CA ALA A 243 -8.28 24.60 -28.30
C ALA A 243 -7.61 25.91 -28.71
N GLU A 244 -6.42 26.18 -28.19
CA GLU A 244 -5.72 27.41 -28.54
C GLU A 244 -5.35 27.45 -30.03
N PHE A 245 -4.88 26.32 -30.56
CA PHE A 245 -4.54 26.26 -31.98
C PHE A 245 -5.79 26.44 -32.84
N LYS A 246 -6.88 25.78 -32.48
CA LYS A 246 -8.13 25.93 -33.22
C LYS A 246 -8.65 27.36 -33.13
N ARG A 247 -8.39 28.05 -32.02
CA ARG A 247 -8.88 29.40 -31.85
C ARG A 247 -8.03 30.42 -32.61
N LYS A 248 -6.73 30.19 -32.72
CA LYS A 248 -5.89 31.14 -33.43
C LYS A 248 -5.83 30.88 -34.94
N HIS A 249 -5.57 29.64 -35.34
CA HIS A 249 -5.37 29.31 -36.75
C HIS A 249 -6.57 28.65 -37.40
N LYS A 250 -7.69 28.53 -36.67
CA LYS A 250 -8.95 28.02 -37.21
C LYS A 250 -8.81 26.60 -37.77
N LYS A 251 -7.97 25.78 -37.12
CA LYS A 251 -7.72 24.42 -37.57
C LYS A 251 -7.70 23.48 -36.38
N ASP A 252 -8.38 22.35 -36.52
CA ASP A 252 -8.39 21.30 -35.50
C ASP A 252 -7.34 20.26 -35.85
N ILE A 253 -6.31 20.14 -35.00
CA ILE A 253 -5.22 19.20 -35.23
C ILE A 253 -5.52 17.81 -34.73
N SER A 254 -6.71 17.58 -34.15
CA SER A 254 -7.05 16.28 -33.60
C SER A 254 -7.08 15.18 -34.65
N GLU A 255 -7.25 15.53 -35.92
CA GLU A 255 -7.29 14.53 -36.98
C GLU A 255 -5.93 13.87 -37.17
N ASN A 256 -4.85 14.65 -37.02
CA ASN A 256 -3.50 14.16 -37.26
C ASN A 256 -2.94 13.57 -35.97
N LYS A 257 -2.63 12.26 -35.99
CA LYS A 257 -2.16 11.58 -34.80
C LYS A 257 -0.76 12.05 -34.41
N ARG A 258 0.12 12.24 -35.39
CA ARG A 258 1.50 12.63 -35.08
C ARG A 258 1.56 14.03 -34.48
N ALA A 259 0.72 14.95 -34.97
CA ALA A 259 0.67 16.28 -34.37
C ALA A 259 0.26 16.19 -32.90
N VAL A 260 -0.72 15.35 -32.59
CA VAL A 260 -1.15 15.19 -31.20
C VAL A 260 -0.04 14.57 -30.37
N ARG A 261 0.71 13.63 -30.94
CA ARG A 261 1.83 13.01 -30.21
C ARG A 261 2.89 14.05 -29.89
N ARG A 262 3.29 14.84 -30.88
CA ARG A 262 4.30 15.88 -30.65
C ARG A 262 3.83 16.88 -29.61
N LEU A 263 2.55 17.30 -29.70
CA LEU A 263 2.00 18.23 -28.72
C LEU A 263 2.03 17.63 -27.32
N ARG A 264 1.68 16.34 -27.19
CA ARG A 264 1.64 15.71 -25.88
C ARG A 264 3.05 15.59 -25.29
N THR A 265 4.03 15.24 -26.11
CA THR A 265 5.40 15.17 -25.62
C THR A 265 5.88 16.53 -25.14
N ALA A 266 5.63 17.57 -25.95
CA ALA A 266 6.00 18.93 -25.54
C ALA A 266 5.30 19.34 -24.26
N CYS A 267 4.02 18.98 -24.11
CA CYS A 267 3.26 19.35 -22.92
C CYS A 267 3.80 18.66 -21.67
N GLU A 268 4.15 17.37 -21.78
CA GLU A 268 4.70 16.67 -20.63
C GLU A 268 6.05 17.26 -20.22
N ARG A 269 6.91 17.55 -21.20
CA ARG A 269 8.19 18.18 -20.88
C ARG A 269 7.97 19.56 -20.24
N ALA A 270 7.01 20.33 -20.77
CA ALA A 270 6.75 21.65 -20.21
C ALA A 270 6.18 21.56 -18.80
N LYS A 271 5.38 20.53 -18.52
CA LYS A 271 4.89 20.30 -17.16
C LYS A 271 6.05 20.06 -16.20
N ARG A 272 6.95 19.15 -16.59
CA ARG A 272 8.12 18.88 -15.75
C ARG A 272 8.93 20.15 -15.54
N THR A 273 9.02 21.00 -16.56
CA THR A 273 9.68 22.30 -16.40
C THR A 273 8.92 23.18 -15.39
N LEU A 274 7.59 23.15 -15.46
CA LEU A 274 6.76 23.98 -14.59
C LEU A 274 6.88 23.59 -13.13
N SER A 275 7.32 22.37 -12.84
CA SER A 275 7.57 21.99 -11.45
C SER A 275 8.69 22.83 -10.82
N SER A 276 9.58 23.41 -11.63
CA SER A 276 10.67 24.20 -11.10
C SER A 276 10.70 25.64 -11.61
N SER A 277 10.01 25.95 -12.70
CA SER A 277 9.91 27.30 -13.21
C SER A 277 8.45 27.73 -13.20
N THR A 278 8.23 29.04 -13.21
CA THR A 278 6.88 29.59 -13.20
C THR A 278 6.25 29.68 -14.58
N GLN A 279 6.98 29.33 -15.63
CA GLN A 279 6.44 29.33 -16.98
C GLN A 279 7.30 28.42 -17.84
N ALA A 280 6.69 27.90 -18.91
CA ALA A 280 7.37 27.01 -19.83
C ALA A 280 6.96 27.35 -21.26
N SER A 281 7.82 27.01 -22.20
CA SER A 281 7.60 27.32 -23.61
C SER A 281 7.27 26.06 -24.39
N ILE A 282 6.42 26.21 -25.39
CA ILE A 282 6.03 25.14 -26.30
C ILE A 282 6.45 25.57 -27.70
N GLU A 283 7.43 24.86 -28.26
CA GLU A 283 7.99 25.20 -29.57
C GLU A 283 7.95 23.95 -30.44
N ILE A 284 7.03 23.93 -31.41
CA ILE A 284 6.84 22.79 -32.30
C ILE A 284 6.84 23.31 -33.73
N ASP A 285 7.86 22.93 -34.50
CA ASP A 285 7.94 23.35 -35.90
C ASP A 285 6.93 22.57 -36.74
N SER A 286 6.16 23.29 -37.55
CA SER A 286 5.19 22.71 -38.48
C SER A 286 4.28 21.70 -37.76
N LEU A 287 3.55 22.19 -36.77
CA LEU A 287 2.68 21.31 -36.00
C LEU A 287 1.54 20.77 -36.84
N TYR A 288 0.90 21.63 -37.64
CA TYR A 288 -0.22 21.19 -38.46
C TYR A 288 -0.37 22.13 -39.64
N GLU A 289 -0.44 21.55 -40.85
CA GLU A 289 -0.59 22.30 -42.09
C GLU A 289 0.46 23.41 -42.20
N GLY A 290 1.71 23.04 -41.91
CA GLY A 290 2.84 23.94 -42.05
C GLY A 290 2.96 25.03 -40.99
N ILE A 291 1.94 25.25 -40.18
CA ILE A 291 1.95 26.33 -39.21
C ILE A 291 2.80 25.93 -38.01
N ASP A 292 3.79 26.75 -37.68
CA ASP A 292 4.59 26.52 -36.49
C ASP A 292 3.82 26.95 -35.25
N PHE A 293 3.97 26.20 -34.16
CA PHE A 293 3.28 26.48 -32.90
C PHE A 293 4.32 26.87 -31.87
N TYR A 294 4.45 28.17 -31.63
CA TYR A 294 5.37 28.71 -30.64
C TYR A 294 4.56 29.54 -29.64
N THR A 295 4.36 28.99 -28.44
CA THR A 295 3.57 29.63 -27.41
C THR A 295 4.18 29.34 -26.05
N SER A 296 3.47 29.67 -24.99
CA SER A 296 3.96 29.46 -23.64
C SER A 296 2.78 29.15 -22.72
N ILE A 297 3.10 28.73 -21.50
CA ILE A 297 2.10 28.46 -20.48
C ILE A 297 2.70 28.76 -19.11
N THR A 298 1.97 29.53 -18.30
CA THR A 298 2.42 29.83 -16.95
C THR A 298 2.05 28.70 -15.99
N ARG A 299 2.76 28.65 -14.87
CA ARG A 299 2.44 27.65 -13.85
C ARG A 299 1.03 27.82 -13.33
N ALA A 300 0.57 29.07 -13.19
CA ALA A 300 -0.79 29.32 -12.71
C ALA A 300 -1.84 28.77 -13.68
N ARG A 301 -1.60 28.93 -14.99
CA ARG A 301 -2.53 28.38 -15.97
C ARG A 301 -2.54 26.86 -15.93
N PHE A 302 -1.37 26.25 -15.74
CA PHE A 302 -1.31 24.79 -15.61
C PHE A 302 -2.07 24.32 -14.38
N GLU A 303 -1.93 25.02 -13.26
CA GLU A 303 -2.67 24.67 -12.05
C GLU A 303 -4.16 24.85 -12.25
N GLU A 304 -4.56 25.90 -12.99
CA GLU A 304 -5.98 26.11 -13.27
C GLU A 304 -6.54 25.00 -14.15
N LEU A 305 -5.77 24.54 -15.13
CA LEU A 305 -6.22 23.46 -15.99
C LEU A 305 -6.38 22.14 -15.25
N ASN A 306 -5.72 21.98 -14.10
CA ASN A 306 -5.78 20.76 -13.30
C ASN A 306 -6.31 21.02 -11.90
N ALA A 307 -7.06 22.11 -11.70
CA ALA A 307 -7.49 22.49 -10.37
C ALA A 307 -8.31 21.39 -9.71
N ASP A 308 -9.27 20.81 -10.45
CA ASP A 308 -10.16 19.81 -9.86
C ASP A 308 -9.39 18.55 -9.48
N LEU A 309 -8.48 18.08 -10.33
CA LEU A 309 -7.72 16.88 -10.00
C LEU A 309 -6.79 17.13 -8.82
N PHE A 310 -6.06 18.24 -8.85
CA PHE A 310 -5.15 18.59 -7.77
C PHE A 310 -5.90 18.64 -6.44
N ARG A 311 -7.00 19.38 -6.38
CA ARG A 311 -7.75 19.49 -5.13
C ARG A 311 -8.43 18.18 -4.75
N GLY A 312 -8.82 17.37 -5.73
CA GLY A 312 -9.46 16.11 -5.44
C GLY A 312 -8.53 15.06 -4.89
N THR A 313 -7.22 15.23 -5.09
CA THR A 313 -6.28 14.36 -4.41
C THR A 313 -6.48 14.36 -2.89
N LEU A 314 -7.09 15.41 -2.33
CA LEU A 314 -7.29 15.50 -0.89
C LEU A 314 -8.44 14.64 -0.38
N ASP A 315 -9.35 14.22 -1.26
CA ASP A 315 -10.50 13.43 -0.79
C ASP A 315 -10.10 12.02 -0.39
N PRO A 316 -9.29 11.28 -1.15
CA PRO A 316 -8.79 10.00 -0.63
C PRO A 316 -8.01 10.14 0.66
N VAL A 317 -7.34 11.27 0.87
CA VAL A 317 -6.66 11.50 2.14
C VAL A 317 -7.66 11.52 3.28
N GLU A 318 -8.75 12.27 3.12
CA GLU A 318 -9.80 12.30 4.15
C GLU A 318 -10.40 10.93 4.36
N LYS A 319 -10.63 10.18 3.28
CA LYS A 319 -11.22 8.86 3.42
C LYS A 319 -10.30 7.90 4.16
N ALA A 320 -9.00 7.93 3.85
CA ALA A 320 -8.05 7.08 4.54
C ALA A 320 -7.94 7.47 6.01
N LEU A 321 -8.01 8.78 6.30
CA LEU A 321 -7.97 9.22 7.69
C LEU A 321 -9.20 8.75 8.46
N ARG A 322 -10.37 8.80 7.84
CA ARG A 322 -11.58 8.33 8.51
C ARG A 322 -11.53 6.82 8.73
N ASP A 323 -11.12 6.07 7.71
CA ASP A 323 -11.06 4.62 7.83
C ASP A 323 -9.99 4.16 8.81
N ALA A 324 -8.98 4.98 9.06
CA ALA A 324 -7.96 4.67 10.05
C ALA A 324 -8.33 5.17 11.45
N LYS A 325 -9.46 5.84 11.59
CA LYS A 325 -9.92 6.42 12.85
C LYS A 325 -8.84 7.32 13.46
N LEU A 326 -8.44 8.31 12.66
CA LEU A 326 -7.38 9.23 13.06
C LEU A 326 -7.74 10.64 12.59
N ASP A 327 -7.39 11.63 13.40
CA ASP A 327 -7.46 13.02 12.98
C ASP A 327 -6.21 13.37 12.17
N LYS A 328 -6.32 14.40 11.34
CA LYS A 328 -5.18 14.84 10.55
C LYS A 328 -4.01 15.24 11.45
N SER A 329 -4.30 15.75 12.65
CA SER A 329 -3.24 16.14 13.57
C SER A 329 -2.53 14.94 14.19
N GLN A 330 -3.11 13.75 14.09
CA GLN A 330 -2.51 12.54 14.64
C GLN A 330 -1.50 11.90 13.69
N ILE A 331 -1.29 12.47 12.52
CA ILE A 331 -0.31 11.94 11.58
C ILE A 331 1.07 12.46 11.96
N HIS A 332 2.03 11.55 12.09
CA HIS A 332 3.38 11.92 12.49
C HIS A 332 4.31 12.12 11.30
N ASP A 333 4.12 11.37 10.22
CA ASP A 333 5.00 11.46 9.07
C ASP A 333 4.18 11.48 7.79
N ILE A 334 4.61 12.30 6.82
CA ILE A 334 3.99 12.38 5.50
C ILE A 334 5.08 12.15 4.47
N VAL A 335 4.86 11.18 3.58
CA VAL A 335 5.90 10.75 2.63
C VAL A 335 5.37 10.89 1.22
N LEU A 336 6.05 11.68 0.40
CA LEU A 336 5.70 11.87 -1.00
C LEU A 336 6.39 10.80 -1.85
N VAL A 337 5.60 10.07 -2.65
CA VAL A 337 6.11 9.06 -3.54
C VAL A 337 5.47 9.28 -4.91
N GLY A 338 6.24 8.99 -5.97
CA GLY A 338 5.75 9.18 -7.32
C GLY A 338 6.18 10.49 -7.93
N GLY A 339 6.49 10.49 -9.22
CA GLY A 339 7.07 11.67 -9.85
C GLY A 339 6.14 12.87 -9.81
N SER A 340 4.83 12.64 -9.96
CA SER A 340 3.87 13.73 -10.00
C SER A 340 3.82 14.53 -8.70
N THR A 341 4.34 13.98 -7.59
CA THR A 341 4.40 14.75 -6.36
C THR A 341 5.44 15.87 -6.42
N ARG A 342 6.21 15.97 -7.50
CA ARG A 342 7.09 17.12 -7.67
C ARG A 342 6.33 18.39 -7.98
N ILE A 343 5.06 18.29 -8.36
CA ILE A 343 4.23 19.44 -8.69
C ILE A 343 4.08 20.32 -7.45
N PRO A 344 4.49 21.59 -7.52
CA PRO A 344 4.43 22.44 -6.32
C PRO A 344 3.03 22.65 -5.77
N LYS A 345 2.02 22.70 -6.64
CA LYS A 345 0.65 22.90 -6.16
C LYS A 345 0.18 21.71 -5.34
N ILE A 346 0.56 20.49 -5.74
CA ILE A 346 0.20 19.30 -4.98
C ILE A 346 0.83 19.35 -3.59
N GLN A 347 2.11 19.70 -3.54
CA GLN A 347 2.80 19.78 -2.25
C GLN A 347 2.17 20.85 -1.36
N LYS A 348 1.81 22.00 -1.96
CA LYS A 348 1.20 23.07 -1.16
C LYS A 348 -0.17 22.67 -0.66
N LEU A 349 -0.97 22.00 -1.50
CA LEU A 349 -2.27 21.50 -1.05
C LEU A 349 -2.11 20.54 0.11
N LEU A 350 -1.22 19.56 -0.03
CA LEU A 350 -1.03 18.57 1.03
C LEU A 350 -0.51 19.20 2.31
N GLN A 351 0.38 20.18 2.19
CA GLN A 351 0.96 20.81 3.38
C GLN A 351 -0.06 21.71 4.08
N ASP A 352 -0.85 22.45 3.31
CA ASP A 352 -1.89 23.29 3.91
C ASP A 352 -2.97 22.44 4.57
N PHE A 353 -3.29 21.29 3.97
CA PHE A 353 -4.26 20.38 4.59
C PHE A 353 -3.80 19.96 5.98
N PHE A 354 -2.50 19.68 6.13
CA PHE A 354 -1.93 19.29 7.42
C PHE A 354 -1.40 20.49 8.21
N ASN A 355 -1.89 21.70 7.89
CA ASN A 355 -1.56 22.91 8.65
C ASN A 355 -0.06 23.17 8.71
N GLY A 356 0.58 23.11 7.54
CA GLY A 356 1.97 23.51 7.44
C GLY A 356 3.00 22.49 7.86
N LYS A 357 2.62 21.23 7.97
CA LYS A 357 3.59 20.20 8.37
C LYS A 357 4.56 19.92 7.23
N GLU A 358 5.83 19.73 7.58
CA GLU A 358 6.86 19.47 6.59
C GLU A 358 6.68 18.09 5.99
N LEU A 359 6.99 17.97 4.69
CA LEU A 359 6.80 16.74 3.95
C LEU A 359 8.15 16.05 3.71
N ASN A 360 8.17 14.73 3.87
CA ASN A 360 9.35 13.93 3.58
C ASN A 360 9.44 13.75 2.07
N LYS A 361 10.36 14.47 1.42
CA LYS A 361 10.50 14.42 -0.03
C LYS A 361 11.96 14.40 -0.49
N SER A 362 12.93 14.23 0.41
CA SER A 362 14.33 14.32 0.03
C SER A 362 14.76 13.18 -0.89
N ILE A 363 14.15 12.01 -0.75
CA ILE A 363 14.44 10.89 -1.63
C ILE A 363 13.65 11.06 -2.92
N ASN A 364 14.30 10.74 -4.05
CA ASN A 364 13.65 10.78 -5.35
C ASN A 364 12.34 10.02 -5.31
N PRO A 365 11.20 10.69 -5.52
CA PRO A 365 9.91 10.01 -5.38
C PRO A 365 9.69 8.88 -6.38
N ASP A 366 10.44 8.87 -7.49
CA ASP A 366 10.39 7.76 -8.43
C ASP A 366 11.19 6.55 -7.96
N GLU A 367 12.03 6.69 -6.94
CA GLU A 367 12.96 5.65 -6.54
C GLU A 367 12.85 5.22 -5.09
N ALA A 368 12.01 5.88 -4.28
CA ALA A 368 11.94 5.58 -2.85
C ALA A 368 11.43 4.17 -2.58
N VAL A 369 10.51 3.66 -3.41
CA VAL A 369 9.99 2.32 -3.20
C VAL A 369 11.07 1.28 -3.47
N ALA A 370 11.79 1.42 -4.59
CA ALA A 370 12.92 0.54 -4.86
C ALA A 370 14.03 0.74 -3.84
N TYR A 371 14.20 1.96 -3.34
CA TYR A 371 15.16 2.22 -2.27
C TYR A 371 14.85 1.37 -1.04
N GLY A 372 13.61 1.45 -0.56
CA GLY A 372 13.24 0.67 0.61
C GLY A 372 13.25 -0.83 0.35
N ALA A 373 12.90 -1.24 -0.87
CA ALA A 373 12.96 -2.66 -1.22
C ALA A 373 14.40 -3.16 -1.18
N ALA A 374 15.35 -2.35 -1.65
CA ALA A 374 16.76 -2.74 -1.58
C ALA A 374 17.24 -2.78 -0.14
N VAL A 375 16.80 -1.83 0.69
CA VAL A 375 17.14 -1.87 2.11
C VAL A 375 16.65 -3.17 2.74
N GLN A 376 15.40 -3.55 2.45
CA GLN A 376 14.84 -4.76 3.04
C GLN A 376 15.53 -6.01 2.51
N ALA A 377 15.91 -6.01 1.23
CA ALA A 377 16.64 -7.14 0.68
C ALA A 377 18.00 -7.29 1.33
N ALA A 378 18.69 -6.18 1.57
CA ALA A 378 19.96 -6.24 2.27
C ALA A 378 19.79 -6.73 3.70
N ILE A 379 18.71 -6.30 4.36
CA ILE A 379 18.43 -6.77 5.72
C ILE A 379 18.22 -8.29 5.72
N LEU A 380 17.37 -8.77 4.81
CA LEU A 380 17.10 -10.20 4.74
C LEU A 380 18.30 -10.99 4.23
N SER A 381 19.29 -10.33 3.63
CA SER A 381 20.52 -10.98 3.20
C SER A 381 21.68 -10.77 4.16
N GLY A 382 21.52 -9.90 5.16
CA GLY A 382 22.58 -9.64 6.11
C GLY A 382 23.06 -8.20 6.07
N ASP A 383 22.72 -7.43 7.10
CA ASP A 383 23.09 -6.03 7.17
C ASP A 383 23.32 -5.61 8.62
N ASP A 395 10.98 -1.24 26.75
CA ASP A 395 10.10 -2.38 26.91
C ASP A 395 8.64 -1.99 26.72
N VAL A 396 7.98 -2.64 25.75
CA VAL A 396 6.59 -2.40 25.43
C VAL A 396 5.89 -3.75 25.24
N THR A 397 4.58 -3.69 25.05
CA THR A 397 3.95 -5.00 24.88
C THR A 397 3.93 -5.39 23.40
N PRO A 398 4.16 -6.67 23.10
CA PRO A 398 4.25 -7.09 21.69
C PRO A 398 2.90 -7.22 21.01
N LEU A 399 1.87 -7.62 21.75
CA LEU A 399 0.56 -7.87 21.17
C LEU A 399 -0.52 -7.32 22.08
N SER A 400 -1.69 -7.06 21.50
CA SER A 400 -2.82 -6.54 22.26
C SER A 400 -3.31 -7.58 23.26
N LEU A 401 -3.72 -7.11 24.43
CA LEU A 401 -4.20 -7.97 25.50
C LEU A 401 -5.64 -7.60 25.84
N GLY A 402 -6.48 -8.61 26.01
CA GLY A 402 -7.87 -8.35 26.33
C GLY A 402 -8.53 -9.57 26.92
N ILE A 403 -9.86 -9.51 27.00
CA ILE A 403 -10.64 -10.62 27.50
C ILE A 403 -11.77 -10.93 26.53
N GLU A 404 -12.30 -12.14 26.65
CA GLU A 404 -13.42 -12.56 25.83
C GLU A 404 -14.73 -12.04 26.44
N THR A 405 -15.53 -11.34 25.63
CA THR A 405 -16.86 -10.92 26.03
C THR A 405 -17.90 -11.62 25.16
N ALA A 406 -19.17 -11.43 25.55
CA ALA A 406 -20.28 -12.19 25.01
C ALA A 406 -20.25 -12.23 23.49
N GLY A 407 -20.61 -13.40 22.94
CA GLY A 407 -20.38 -13.67 21.54
C GLY A 407 -18.98 -14.12 21.21
N GLY A 408 -18.12 -14.26 22.22
CA GLY A 408 -16.75 -14.65 21.98
C GLY A 408 -15.92 -13.60 21.29
N VAL A 409 -16.18 -12.32 21.56
CA VAL A 409 -15.45 -11.25 20.88
C VAL A 409 -14.32 -10.76 21.78
N MET A 410 -13.30 -10.20 21.16
CA MET A 410 -12.11 -9.73 21.86
C MET A 410 -12.33 -8.29 22.30
N THR A 411 -12.28 -8.05 23.61
CA THR A 411 -12.35 -6.70 24.16
C THR A 411 -10.98 -6.37 24.74
N VAL A 412 -10.29 -5.43 24.11
CA VAL A 412 -8.90 -5.12 24.42
C VAL A 412 -8.85 -4.15 25.60
N LEU A 413 -8.02 -4.47 26.59
CA LEU A 413 -7.76 -3.56 27.70
C LEU A 413 -6.41 -2.86 27.59
N ILE A 414 -5.41 -3.53 27.01
CA ILE A 414 -4.08 -2.96 26.81
C ILE A 414 -3.76 -3.08 25.34
N LYS A 415 -3.80 -1.96 24.62
CA LYS A 415 -3.50 -1.94 23.19
C LYS A 415 -2.06 -2.38 22.95
N ARG A 416 -1.80 -2.86 21.74
CA ARG A 416 -0.45 -3.28 21.38
C ARG A 416 0.50 -2.09 21.40
N ASN A 417 1.76 -2.38 21.75
CA ASN A 417 2.81 -1.36 21.89
C ASN A 417 2.43 -0.32 22.94
N THR A 418 2.22 -0.80 24.16
CA THR A 418 1.98 0.03 25.33
C THR A 418 3.16 -0.09 26.27
N THR A 419 3.65 1.05 26.76
CA THR A 419 4.83 1.06 27.61
C THR A 419 4.55 0.37 28.94
N ILE A 420 5.42 -0.56 29.32
CA ILE A 420 5.31 -1.25 30.60
C ILE A 420 6.31 -0.63 31.57
N PRO A 421 6.03 -0.63 32.89
CA PRO A 421 4.85 -1.17 33.55
C PRO A 421 3.59 -0.34 33.30
N THR A 422 2.42 -0.97 33.35
CA THR A 422 1.16 -0.27 33.10
C THR A 422 0.05 -0.97 33.86
N LYS A 423 -1.08 -0.28 33.98
CA LYS A 423 -2.25 -0.82 34.65
C LYS A 423 -3.49 -0.23 34.00
N GLN A 424 -4.38 -1.09 33.50
CA GLN A 424 -5.59 -0.66 32.83
C GLN A 424 -6.78 -1.40 33.42
N THR A 425 -7.84 -0.66 33.76
CA THR A 425 -9.02 -1.23 34.39
C THR A 425 -10.27 -0.87 33.57
N GLN A 426 -11.16 -1.84 33.41
CA GLN A 426 -12.42 -1.63 32.72
C GLN A 426 -13.55 -2.32 33.46
N THR A 427 -14.75 -1.76 33.35
CA THR A 427 -15.93 -2.29 34.02
C THR A 427 -16.76 -3.07 33.01
N PHE A 428 -17.19 -4.28 33.40
CA PHE A 428 -18.01 -5.17 32.60
C PHE A 428 -19.25 -5.54 33.40
N THR A 429 -20.13 -6.32 32.78
CA THR A 429 -21.37 -6.73 33.42
C THR A 429 -21.75 -8.12 32.94
N THR A 430 -22.91 -8.59 33.40
CA THR A 430 -23.41 -9.91 33.04
C THR A 430 -24.26 -9.83 31.78
N TYR A 431 -24.35 -10.96 31.09
CA TYR A 431 -25.09 -11.07 29.83
C TYR A 431 -26.49 -11.62 30.01
N SER A 432 -26.68 -12.58 30.91
CA SER A 432 -27.98 -13.18 31.17
C SER A 432 -28.51 -12.74 32.53
N ASP A 433 -29.81 -12.93 32.73
CA ASP A 433 -30.44 -12.59 34.00
C ASP A 433 -29.99 -13.55 35.09
N ASN A 434 -29.79 -13.02 36.30
CA ASN A 434 -29.42 -13.82 37.47
C ASN A 434 -28.17 -14.64 37.22
N GLN A 435 -27.22 -14.06 36.50
CA GLN A 435 -25.97 -14.75 36.18
C GLN A 435 -25.13 -14.89 37.44
N PRO A 436 -24.78 -16.11 37.85
CA PRO A 436 -24.08 -16.28 39.14
C PRO A 436 -22.59 -16.01 39.09
N GLY A 437 -21.96 -16.10 37.92
CA GLY A 437 -20.52 -15.87 37.83
C GLY A 437 -20.13 -15.48 36.42
N VAL A 438 -18.86 -15.11 36.28
CA VAL A 438 -18.29 -14.70 35.00
C VAL A 438 -16.97 -15.43 34.80
N LEU A 439 -16.67 -15.79 33.56
CA LEU A 439 -15.44 -16.50 33.20
C LEU A 439 -14.51 -15.51 32.51
N ILE A 440 -13.51 -15.03 33.25
CA ILE A 440 -12.51 -14.11 32.70
C ILE A 440 -11.53 -14.93 31.87
N GLN A 441 -11.47 -14.63 30.57
CA GLN A 441 -10.66 -15.39 29.62
C GLN A 441 -9.72 -14.40 28.92
N VAL A 442 -8.43 -14.47 29.27
CA VAL A 442 -7.43 -13.52 28.81
C VAL A 442 -6.90 -14.00 27.45
N TYR A 443 -7.00 -13.14 26.45
CA TYR A 443 -6.51 -13.43 25.12
C TYR A 443 -5.48 -12.39 24.68
N GLU A 444 -4.65 -12.81 23.74
CA GLU A 444 -3.57 -11.98 23.19
C GLU A 444 -3.58 -12.11 21.68
N GLY A 445 -3.75 -11.00 20.99
CA GLY A 445 -3.82 -11.02 19.55
C GLY A 445 -4.44 -9.75 19.01
N GLU A 446 -4.48 -9.67 17.69
CA GLU A 446 -4.95 -8.48 17.00
C GLU A 446 -6.25 -8.70 16.23
N ARG A 447 -6.94 -9.80 16.48
CA ARG A 447 -8.18 -10.13 15.79
C ARG A 447 -9.38 -9.78 16.67
N ALA A 448 -10.55 -9.66 16.02
CA ALA A 448 -11.75 -9.24 16.72
C ALA A 448 -12.40 -10.38 17.50
N MET A 449 -12.29 -11.61 17.02
CA MET A 449 -12.87 -12.76 17.69
C MET A 449 -11.77 -13.55 18.39
N THR A 450 -12.09 -14.09 19.58
CA THR A 450 -11.12 -14.84 20.35
C THR A 450 -10.76 -16.18 19.71
N LYS A 451 -11.51 -16.63 18.71
CA LYS A 451 -11.09 -17.81 17.96
C LYS A 451 -9.72 -17.60 17.32
N ASP A 452 -9.47 -16.40 16.83
CA ASP A 452 -8.26 -16.08 16.08
C ASP A 452 -7.19 -15.43 16.93
N ASN A 453 -7.33 -15.47 18.25
CA ASN A 453 -6.32 -14.98 19.18
C ASN A 453 -5.79 -16.15 20.01
N ASN A 454 -4.87 -15.84 20.92
CA ASN A 454 -4.20 -16.85 21.73
C ASN A 454 -4.68 -16.75 23.17
N LEU A 455 -5.22 -17.84 23.69
CA LEU A 455 -5.65 -17.90 25.09
C LEU A 455 -4.44 -18.01 26.00
N LEU A 456 -4.29 -17.06 26.92
CA LEU A 456 -3.19 -17.09 27.87
C LEU A 456 -3.59 -17.64 29.24
N GLY A 457 -4.85 -17.51 29.61
CA GLY A 457 -5.30 -18.02 30.89
C GLY A 457 -6.77 -17.72 31.08
N LYS A 458 -7.33 -18.31 32.12
CA LYS A 458 -8.73 -18.07 32.46
C LYS A 458 -8.95 -18.33 33.94
N PHE A 459 -9.92 -17.62 34.51
CA PHE A 459 -10.32 -17.87 35.89
C PHE A 459 -11.77 -17.46 36.06
N GLU A 460 -12.41 -18.01 37.09
CA GLU A 460 -13.83 -17.81 37.32
C GLU A 460 -14.06 -16.87 38.50
N LEU A 461 -15.11 -16.06 38.41
CA LEU A 461 -15.55 -15.20 39.49
C LEU A 461 -17.00 -15.54 39.78
N THR A 462 -17.23 -16.28 40.87
CA THR A 462 -18.54 -16.78 41.22
C THR A 462 -19.11 -15.99 42.40
N GLY A 463 -20.32 -16.36 42.80
CA GLY A 463 -20.97 -15.70 43.92
C GLY A 463 -21.54 -14.33 43.63
N ILE A 464 -21.84 -14.03 42.37
CA ILE A 464 -22.45 -12.76 42.01
C ILE A 464 -23.90 -12.78 42.48
N PRO A 465 -24.33 -11.84 43.30
CA PRO A 465 -25.72 -11.83 43.78
C PRO A 465 -26.69 -11.74 42.63
N PRO A 466 -27.83 -12.44 42.72
CA PRO A 466 -28.80 -12.44 41.62
C PRO A 466 -29.27 -11.03 41.28
N ALA A 467 -29.23 -10.71 39.99
CA ALA A 467 -29.60 -9.39 39.51
C ALA A 467 -29.95 -9.51 38.02
N PRO A 468 -30.70 -8.56 37.48
CA PRO A 468 -30.97 -8.57 36.04
C PRO A 468 -29.70 -8.36 35.24
N ARG A 469 -29.77 -8.69 33.96
CA ARG A 469 -28.63 -8.52 33.07
C ARG A 469 -28.26 -7.05 32.96
N GLY A 470 -26.96 -6.77 32.91
CA GLY A 470 -26.46 -5.41 32.85
C GLY A 470 -26.34 -4.71 34.19
N VAL A 471 -26.95 -5.24 35.25
CA VAL A 471 -26.93 -4.60 36.56
C VAL A 471 -25.61 -4.86 37.29
N PRO A 472 -25.14 -6.11 37.44
CA PRO A 472 -23.89 -6.32 38.17
C PRO A 472 -22.70 -5.64 37.50
N GLN A 473 -21.72 -5.28 38.31
CA GLN A 473 -20.54 -4.56 37.85
C GLN A 473 -19.29 -5.33 38.25
N ILE A 474 -18.49 -5.72 37.26
CA ILE A 474 -17.28 -6.50 37.46
C ILE A 474 -16.10 -5.68 36.96
N GLU A 475 -15.20 -5.29 37.86
CA GLU A 475 -14.03 -4.51 37.50
C GLU A 475 -12.88 -5.46 37.17
N VAL A 476 -12.35 -5.36 35.96
CA VAL A 476 -11.27 -6.20 35.47
C VAL A 476 -10.04 -5.32 35.27
N THR A 477 -8.92 -5.72 35.86
CA THR A 477 -7.68 -4.95 35.83
C THR A 477 -6.56 -5.81 35.27
N PHE A 478 -5.87 -5.28 34.26
CA PHE A 478 -4.64 -5.84 33.74
C PHE A 478 -3.46 -5.02 34.25
N ASP A 479 -2.50 -5.68 34.89
CA ASP A 479 -1.33 -5.01 35.43
C ASP A 479 -0.08 -5.71 34.92
N ILE A 480 0.81 -4.95 34.28
CA ILE A 480 2.07 -5.48 33.76
C ILE A 480 3.20 -4.76 34.46
N ASP A 481 4.04 -5.51 35.16
CA ASP A 481 5.19 -4.91 35.83
C ASP A 481 6.31 -4.67 34.83
N ALA A 482 7.46 -4.24 35.34
CA ALA A 482 8.60 -3.94 34.48
C ALA A 482 9.12 -5.18 33.78
N ASN A 483 9.05 -6.35 34.42
CA ASN A 483 9.52 -7.59 33.83
C ASN A 483 8.52 -8.19 32.85
N GLY A 484 7.32 -7.64 32.75
CA GLY A 484 6.31 -8.14 31.83
C GLY A 484 5.32 -9.12 32.43
N ILE A 485 5.48 -9.50 33.70
CA ILE A 485 4.57 -10.45 34.32
C ILE A 485 3.18 -9.85 34.37
N LEU A 486 2.21 -10.53 33.79
CA LEU A 486 0.85 -10.01 33.62
C LEU A 486 -0.07 -10.55 34.71
N ASN A 487 -0.57 -9.68 35.57
CA ASN A 487 -1.53 -10.05 36.59
C ASN A 487 -2.90 -9.53 36.19
N VAL A 488 -3.86 -10.43 36.05
CA VAL A 488 -5.23 -10.08 35.68
C VAL A 488 -6.13 -10.36 36.87
N SER A 489 -6.89 -9.35 37.29
CA SER A 489 -7.76 -9.48 38.46
C SER A 489 -9.17 -9.05 38.11
N ALA A 490 -10.14 -9.69 38.76
CA ALA A 490 -11.55 -9.36 38.62
C ALA A 490 -12.17 -9.20 40.00
N VAL A 491 -12.97 -8.15 40.15
CA VAL A 491 -13.59 -7.81 41.43
C VAL A 491 -15.07 -7.57 41.22
N ASP A 492 -15.91 -8.22 42.03
CA ASP A 492 -17.34 -7.94 42.08
C ASP A 492 -17.53 -6.65 42.88
N LYS A 493 -17.93 -5.58 42.20
CA LYS A 493 -17.99 -4.27 42.81
C LYS A 493 -19.09 -4.14 43.86
N SER A 494 -20.02 -5.11 43.94
CA SER A 494 -21.07 -5.06 44.95
C SER A 494 -20.71 -5.78 46.23
N THR A 495 -19.71 -6.67 46.20
CA THR A 495 -19.32 -7.43 47.36
C THR A 495 -17.85 -7.29 47.74
N GLY A 496 -17.00 -6.80 46.84
CA GLY A 496 -15.57 -6.78 47.06
C GLY A 496 -14.87 -8.09 46.81
N LYS A 497 -15.61 -9.18 46.60
CA LYS A 497 -15.00 -10.46 46.29
C LYS A 497 -14.18 -10.36 45.00
N GLU A 498 -13.05 -11.05 44.97
CA GLU A 498 -12.12 -10.92 43.87
C GLU A 498 -11.48 -12.27 43.55
N ASN A 499 -10.90 -12.33 42.35
CA ASN A 499 -10.07 -13.46 41.94
C ASN A 499 -9.03 -12.92 40.96
N LYS A 500 -7.97 -13.69 40.75
CA LYS A 500 -6.90 -13.20 39.89
C LYS A 500 -6.10 -14.38 39.34
N ILE A 501 -5.28 -14.07 38.34
CA ILE A 501 -4.37 -15.03 37.74
C ILE A 501 -3.08 -14.30 37.35
N THR A 502 -1.98 -15.03 37.41
CA THR A 502 -0.67 -14.54 36.99
C THR A 502 -0.25 -15.28 35.73
N ILE A 503 0.22 -14.52 34.74
CA ILE A 503 0.57 -15.03 33.42
C ILE A 503 2.00 -14.61 33.13
N THR A 504 2.86 -15.59 32.84
CA THR A 504 4.27 -15.36 32.56
C THR A 504 4.42 -14.89 31.12
N ASN A 505 4.59 -13.58 30.92
CA ASN A 505 4.80 -13.00 29.60
C ASN A 505 6.29 -12.80 29.39
N ASP A 506 6.96 -13.90 29.08
CA ASP A 506 8.42 -13.92 28.90
C ASP A 506 8.77 -15.14 28.07
N LYS A 507 10.05 -15.54 28.11
CA LYS A 507 10.63 -16.74 27.50
C LYS A 507 10.89 -16.58 26.00
N GLY A 508 10.81 -15.38 25.45
CA GLY A 508 11.02 -15.20 24.02
C GLY A 508 10.08 -16.00 23.17
N ARG A 509 8.84 -16.19 23.64
CA ARG A 509 7.88 -17.06 22.95
C ARG A 509 7.48 -16.52 21.58
N LEU A 510 7.72 -15.25 21.31
CA LEU A 510 7.32 -14.63 20.06
C LEU A 510 8.53 -14.02 19.37
N SER A 511 8.59 -14.18 18.06
CA SER A 511 9.59 -13.51 17.24
C SER A 511 8.97 -12.31 16.55
N LYS A 512 9.84 -11.47 15.97
CA LYS A 512 9.34 -10.34 15.20
C LYS A 512 8.49 -10.82 14.02
N GLU A 513 8.86 -11.96 13.43
CA GLU A 513 8.09 -12.49 12.31
C GLU A 513 6.71 -12.95 12.75
N ASP A 514 6.60 -13.50 13.97
CA ASP A 514 5.30 -13.90 14.48
C ASP A 514 4.38 -12.70 14.64
N ILE A 515 4.91 -11.61 15.22
CA ILE A 515 4.11 -10.40 15.40
C ILE A 515 3.73 -9.82 14.06
N GLU A 516 4.66 -9.80 13.10
CA GLU A 516 4.35 -9.30 11.76
C GLU A 516 3.26 -10.13 11.11
N ARG A 517 3.32 -11.45 11.27
CA ARG A 517 2.31 -12.32 10.67
C ARG A 517 0.94 -12.10 11.29
N MET A 518 0.89 -11.96 12.63
CA MET A 518 -0.39 -11.72 13.27
C MET A 518 -0.97 -10.36 12.88
N VAL A 519 -0.11 -9.33 12.78
CA VAL A 519 -0.59 -8.01 12.38
C VAL A 519 -1.09 -8.03 10.93
N GLN A 520 -0.38 -8.74 10.05
CA GLN A 520 -0.81 -8.79 8.66
C GLN A 520 -2.08 -9.62 8.48
N GLU A 521 -2.28 -10.65 9.32
CA GLU A 521 -3.54 -11.38 9.29
C GLU A 521 -4.68 -10.52 9.82
N ALA A 522 -4.41 -9.68 10.82
CA ALA A 522 -5.41 -8.71 11.25
C ALA A 522 -5.74 -7.73 10.14
N GLU A 523 -4.73 -7.33 9.36
CA GLU A 523 -4.98 -6.48 8.20
C GLU A 523 -5.85 -7.18 7.17
N LYS A 524 -5.57 -8.45 6.91
CA LYS A 524 -6.22 -9.15 5.81
C LYS A 524 -7.73 -9.32 6.06
N TYR A 525 -8.11 -9.59 7.30
CA TYR A 525 -9.51 -9.82 7.66
C TYR A 525 -10.10 -8.64 8.42
N LYS A 526 -9.72 -7.42 8.04
CA LYS A 526 -10.17 -6.24 8.76
C LYS A 526 -11.68 -6.04 8.62
N ALA A 527 -12.21 -6.20 7.40
CA ALA A 527 -13.63 -5.98 7.18
C ALA A 527 -14.48 -7.01 7.90
N GLU A 528 -14.09 -8.29 7.83
CA GLU A 528 -14.84 -9.32 8.53
C GLU A 528 -14.74 -9.15 10.04
N ASP A 529 -13.56 -8.78 10.54
CA ASP A 529 -13.40 -8.53 11.97
C ASP A 529 -14.29 -7.39 12.43
N GLU A 530 -14.39 -6.32 11.64
CA GLU A 530 -15.27 -5.22 11.99
C GLU A 530 -16.73 -5.66 11.95
N LYS A 531 -17.13 -6.40 10.90
CA LYS A 531 -18.53 -6.80 10.76
C LYS A 531 -18.95 -7.74 11.88
N GLN A 532 -18.02 -8.54 12.41
CA GLN A 532 -18.37 -9.46 13.48
C GLN A 532 -18.15 -8.87 14.87
N ARG A 533 -17.39 -7.77 14.98
CA ARG A 533 -17.22 -7.12 16.27
C ARG A 533 -18.49 -6.37 16.69
N ASP A 534 -19.07 -5.61 15.76
CA ASP A 534 -20.29 -4.87 16.03
C ASP A 534 -21.54 -5.73 15.94
N LYS A 535 -21.39 -7.06 15.80
CA LYS A 535 -22.55 -7.93 15.79
C LYS A 535 -23.24 -7.95 17.15
N VAL A 536 -22.46 -8.03 18.22
CA VAL A 536 -23.02 -8.04 19.58
C VAL A 536 -23.39 -6.62 19.98
N SER A 537 -24.55 -6.49 20.63
CA SER A 537 -25.05 -5.17 20.98
C SER A 537 -24.22 -4.53 22.10
N SER A 538 -24.21 -5.16 23.27
CA SER A 538 -23.45 -4.64 24.39
C SER A 538 -21.96 -4.94 24.21
N LYS A 539 -21.12 -4.06 24.77
CA LYS A 539 -19.68 -4.15 24.58
C LYS A 539 -18.92 -4.60 25.82
N ASN A 540 -19.56 -4.65 26.97
CA ASN A 540 -18.90 -5.05 28.22
C ASN A 540 -19.71 -6.11 28.95
N SER A 541 -20.26 -7.07 28.20
CA SER A 541 -21.03 -8.16 28.78
C SER A 541 -20.17 -9.42 28.84
N LEU A 542 -20.08 -10.00 30.03
CA LEU A 542 -19.32 -11.23 30.25
C LEU A 542 -20.26 -12.39 30.47
N GLU A 543 -20.03 -13.49 29.75
CA GLU A 543 -20.78 -14.72 29.95
C GLU A 543 -20.06 -15.57 31.00
N SER A 544 -20.62 -16.75 31.27
CA SER A 544 -20.07 -17.67 32.25
C SER A 544 -19.36 -18.86 31.61
N TYR A 545 -19.35 -18.95 30.28
CA TYR A 545 -18.77 -20.07 29.58
C TYR A 545 -17.74 -19.57 28.57
N ALA A 546 -17.02 -20.51 27.98
CA ALA A 546 -16.10 -20.23 26.89
C ALA A 546 -16.85 -20.38 25.57
N PHE A 547 -16.88 -19.30 24.78
CA PHE A 547 -17.65 -19.33 23.53
C PHE A 547 -17.04 -20.31 22.53
N ASN A 548 -15.71 -20.43 22.51
CA ASN A 548 -15.05 -21.27 21.53
C ASN A 548 -15.24 -22.76 21.80
N MET A 549 -15.75 -23.13 22.97
CA MET A 549 -16.05 -24.52 23.28
C MET A 549 -17.54 -24.83 23.24
N LYS A 550 -18.36 -23.89 22.75
CA LYS A 550 -19.79 -24.09 22.66
C LYS A 550 -20.15 -24.78 21.35
N ALA A 551 -21.18 -25.62 21.42
CA ALA A 551 -21.57 -26.41 20.26
C ALA A 551 -22.16 -25.54 19.15
N THR A 552 -21.71 -25.78 17.93
CA THR A 552 -22.24 -25.08 16.76
C THR A 552 -22.40 -26.08 15.62
N VAL A 553 -23.24 -25.72 14.66
CA VAL A 553 -23.52 -26.59 13.52
C VAL A 553 -22.28 -26.76 12.66
CAA TMO B . -6.06 -6.30 1.96
NAC TMO B . -4.95 -7.28 2.01
CAD TMO B . -4.30 -7.22 3.32
CAB TMO B . -5.47 -8.62 1.78
OAE TMO B . -3.98 -6.95 0.96
C18 3FD C . 12.36 12.62 -14.54
C17 3FD C . 13.10 12.76 -15.70
C16 3FD C . 12.51 12.52 -16.94
CL20 3FD C . 13.42 12.69 -18.39
C15 3FD C . 11.17 12.16 -17.01
C14 3FD C . 10.42 12.02 -15.85
C13 3FD C . 11.02 12.25 -14.62
C12 3FD C . 10.20 12.11 -13.33
N11 3FD C . 8.77 12.30 -13.63
C6 3FD C . 8.16 13.45 -13.40
N7 3FD C . 8.79 14.58 -13.10
C8 3FD C . 7.87 15.51 -12.95
C4 3FD C . 7.97 16.81 -12.65
N10 3FD C . 9.21 17.26 -12.46
N1 3FD C . 6.90 17.59 -12.55
C2 3FD C . 5.63 17.05 -12.76
N3 3FD C . 5.54 15.69 -13.06
C9 3FD C . 6.66 14.96 -13.16
N5 3FD C . 6.85 13.66 -13.45
C21 3FD C . 5.79 12.65 -13.74
O22 3FD C . 5.97 11.46 -12.97
C24 3FD C . 5.91 12.07 -15.13
O26 3FD C . 5.64 13.05 -16.14
C25 3FD C . 4.79 11.10 -14.99
O27 3FD C . 3.59 11.84 -14.82
C23 3FD C . 5.18 10.45 -13.65
C28 3FD C . 6.03 9.20 -13.84
O29 3FD C . 7.41 9.54 -14.07
C30 3FD C . 8.19 8.34 -14.00
C31 3FD C . 9.50 8.53 -14.77
C32 3FD C . 9.50 8.48 -16.17
C33 3FD C . 10.68 8.65 -16.86
C34 3FD C . 11.88 8.86 -16.17
C37 3FD C . 13.10 9.04 -16.90
N38 3FD C . 14.06 9.18 -17.47
C35 3FD C . 11.87 8.92 -14.77
C36 3FD C . 10.69 8.74 -14.08
CL21 3FD C . 10.45 11.88 -18.55
N1 EPE D . -4.67 -19.60 17.71
C2 EPE D . -3.55 -20.20 16.99
C3 EPE D . -2.65 -19.07 16.52
N4 EPE D . -3.38 -18.14 15.69
C5 EPE D . -4.65 -17.69 16.22
C6 EPE D . -5.48 -18.85 16.75
C7 EPE D . -2.56 -17.11 15.07
C8 EPE D . -1.17 -17.64 14.77
O8 EPE D . -1.26 -18.60 13.74
C9 EPE D . -5.52 -20.63 18.34
C10 EPE D . -4.73 -21.54 19.28
S EPE D . -4.11 -20.66 20.73
O1S EPE D . -3.46 -21.61 21.62
O2S EPE D . -5.23 -20.02 21.41
O3S EPE D . -3.14 -19.66 20.29
C1 GOL E . -2.69 -0.49 -10.41
O1 GOL E . -1.34 -0.43 -10.73
C2 GOL E . -3.07 -1.98 -10.30
O2 GOL E . -2.11 -2.69 -9.61
C3 GOL E . -4.43 -2.00 -9.57
O3 GOL E . -5.21 -1.01 -10.16
#